data_9DEM
#
_entry.id   9DEM
#
_cell.length_a   113.474
_cell.length_b   67.709
_cell.length_c   71.617
_cell.angle_alpha   90.00
_cell.angle_beta   125.22
_cell.angle_gamma   90.00
#
_symmetry.space_group_name_H-M   'C 1 2 1'
#
loop_
_entity.id
_entity.type
_entity.pdbx_description
1 polymer 'Ubiquitin carboxyl-terminal hydrolase 7'
2 polymer 'Macrocycle peptide  MC04'
3 water water
#
loop_
_entity_poly.entity_id
_entity_poly.type
_entity_poly.pdbx_seq_one_letter_code
_entity_poly.pdbx_strand_id
1 'polypeptide(L)'
;MGSSHHHHHHSSGLVPRGSHMKKHTGYVGLKNQGATCYMNSLLQTLFFTNQLRKAVYMMPTEGDDSSKSVPLALQRVFYE
LQHSDKPVGTKKLTKSFGWETLDSFMQHDVQELCRVLLDNVENKMKGTCVEGTIPKLFRGKMVSYIQCKEVDYRSDRRED
YYDIQLSIKGKKNIFESFVDYVAVEQLDGDNKYDAGEHGLQEAEKGVKFLTLPPVLHLQLMRFMYDPQTDQNIKINDRFE
FPEQLPLDEFLQKTDPKDPANYILHAVLVHSGDNHGGHYVVYLNPKGDGKWCKFDDDVVSRCTKEEAIEHNYGGHDDDLS
VRHCTNAYMLVYIRESKLSEVLQAVTDHDIPQQLVERLQEEKRIEAQK
;
A
2 'polypeptide(L)' (ACE)FL(KCJ)N(DAL)(KCJ)RGY(NMC)LCGKK G
#
loop_
_chem_comp.id
_chem_comp.type
_chem_comp.name
_chem_comp.formula
ACE non-polymer 'ACETYL GROUP' 'C2 H4 O'
#
# COMPACT_ATOMS: atom_id res chain seq x y z
N HIS A 24 22.56 -15.41 4.40
CA HIS A 24 23.39 -14.22 4.62
C HIS A 24 22.51 -12.98 4.73
N THR A 25 21.23 -13.18 4.43
CA THR A 25 20.10 -12.29 4.68
C THR A 25 19.17 -12.77 5.79
N GLY A 26 18.81 -14.07 5.77
CA GLY A 26 17.73 -14.60 6.58
C GLY A 26 16.36 -14.51 5.93
N TYR A 27 16.25 -13.86 4.78
CA TYR A 27 14.99 -13.67 4.07
C TYR A 27 15.11 -14.36 2.71
N VAL A 28 14.02 -14.97 2.26
CA VAL A 28 14.04 -15.68 0.98
C VAL A 28 13.24 -14.88 -0.06
N GLY A 29 13.58 -15.11 -1.35
CA GLY A 29 12.97 -14.36 -2.43
C GLY A 29 11.75 -15.06 -3.07
N LEU A 30 11.18 -14.37 -4.07
CA LEU A 30 10.01 -14.85 -4.82
C LEU A 30 10.43 -15.20 -6.24
N LYS A 31 9.94 -16.32 -6.76
CA LYS A 31 10.32 -16.74 -8.11
C LYS A 31 9.90 -15.71 -9.13
N ASN A 32 10.63 -15.59 -10.23
CA ASN A 32 10.14 -14.80 -11.36
C ASN A 32 9.40 -15.74 -12.28
N GLN A 33 8.09 -15.56 -12.42
CA GLN A 33 7.27 -16.50 -13.18
C GLN A 33 6.43 -15.78 -14.23
N GLY A 34 6.97 -14.73 -14.82
CA GLY A 34 6.26 -13.95 -15.81
C GLY A 34 6.27 -12.50 -15.43
N ALA A 35 5.69 -11.68 -16.31
CA ALA A 35 5.73 -10.23 -16.11
C ALA A 35 4.66 -9.80 -15.09
N THR A 36 4.92 -10.11 -13.82
CA THR A 36 3.97 -9.75 -12.76
C THR A 36 4.31 -8.41 -12.12
N CYS A 37 5.28 -7.67 -12.66
CA CYS A 37 5.54 -6.27 -12.34
C CYS A 37 5.66 -6.06 -10.84
N TYR A 38 4.75 -5.27 -10.26
CA TYR A 38 4.78 -4.91 -8.83
C TYR A 38 4.47 -6.05 -7.89
N MET A 39 4.05 -7.22 -8.37
CA MET A 39 3.46 -8.20 -7.45
C MET A 39 4.47 -8.72 -6.41
N ASN A 40 5.66 -9.13 -6.83
CA ASN A 40 6.60 -9.72 -5.86
C ASN A 40 6.99 -8.70 -4.78
N SER A 41 7.17 -7.43 -5.19
CA SER A 41 7.48 -6.33 -4.27
C SER A 41 6.39 -6.17 -3.23
N LEU A 42 5.13 -6.21 -3.69
CA LEU A 42 4.00 -6.06 -2.78
C LEU A 42 3.91 -7.25 -1.85
N LEU A 43 4.15 -8.45 -2.38
CA LEU A 43 4.02 -9.63 -1.53
C LEU A 43 5.01 -9.57 -0.38
N GLN A 44 6.26 -9.17 -0.66
CA GLN A 44 7.23 -9.00 0.41
C GLN A 44 6.78 -7.92 1.38
N THR A 45 6.30 -6.80 0.84
CA THR A 45 5.82 -5.68 1.64
C THR A 45 4.74 -6.12 2.63
N LEU A 46 3.73 -6.85 2.14
CA LEU A 46 2.67 -7.32 3.03
C LEU A 46 3.20 -8.38 3.99
N PHE A 47 4.09 -9.25 3.50
CA PHE A 47 4.62 -10.30 4.37
C PHE A 47 5.32 -9.69 5.57
N PHE A 48 6.06 -8.59 5.37
CA PHE A 48 6.78 -8.01 6.50
C PHE A 48 5.94 -7.01 7.27
N THR A 49 4.63 -6.95 7.00
CA THR A 49 3.67 -6.34 7.91
C THR A 49 3.24 -7.44 8.86
N ASN A 50 4.05 -7.67 9.88
CA ASN A 50 3.95 -8.91 10.63
C ASN A 50 2.57 -9.08 11.28
N GLN A 51 1.93 -7.98 11.69
CA GLN A 51 0.60 -8.11 12.28
C GLN A 51 -0.40 -8.58 11.25
N LEU A 52 -0.32 -8.03 10.04
CA LEU A 52 -1.09 -8.56 8.94
C LEU A 52 -0.79 -10.03 8.77
N ARG A 53 0.50 -10.38 8.74
CA ARG A 53 0.88 -11.76 8.47
C ARG A 53 0.24 -12.73 9.47
N LYS A 54 0.33 -12.41 10.76
CA LYS A 54 -0.25 -13.31 11.74
C LYS A 54 -1.74 -13.40 11.56
N ALA A 55 -2.40 -12.29 11.24
CA ALA A 55 -3.85 -12.39 11.08
C ALA A 55 -4.20 -13.24 9.85
N VAL A 56 -3.41 -13.09 8.77
CA VAL A 56 -3.58 -13.93 7.59
C VAL A 56 -3.50 -15.41 7.96
N TYR A 57 -2.55 -15.79 8.82
CA TYR A 57 -2.46 -17.19 9.21
C TYR A 57 -3.72 -17.67 9.90
N MET A 58 -4.46 -16.78 10.56
CA MET A 58 -5.62 -17.23 11.35
C MET A 58 -6.86 -17.40 10.52
N MET A 59 -6.82 -17.09 9.23
CA MET A 59 -8.07 -17.12 8.46
C MET A 59 -8.56 -18.57 8.40
N PRO A 60 -9.88 -18.81 8.52
CA PRO A 60 -10.42 -20.19 8.48
C PRO A 60 -10.65 -20.73 7.07
N THR A 61 -9.56 -21.20 6.45
CA THR A 61 -9.58 -21.63 5.05
C THR A 61 -9.68 -23.14 4.89
N GLU A 62 -9.92 -23.89 5.97
CA GLU A 62 -9.95 -25.35 5.87
C GLU A 62 -10.97 -25.81 4.85
N GLY A 63 -12.08 -25.10 4.72
CA GLY A 63 -13.05 -25.51 3.75
C GLY A 63 -12.87 -24.96 2.37
N ASP A 64 -11.78 -24.22 2.11
CA ASP A 64 -11.68 -23.42 0.90
C ASP A 64 -11.24 -24.25 -0.30
N ASP A 65 -11.80 -23.92 -1.47
CA ASP A 65 -11.32 -24.51 -2.72
C ASP A 65 -9.98 -23.89 -3.14
N SER A 66 -8.92 -24.70 -3.17
CA SER A 66 -7.59 -24.14 -3.41
C SER A 66 -7.49 -23.43 -4.76
N SER A 67 -8.14 -23.98 -5.79
CA SER A 67 -7.90 -23.39 -7.11
C SER A 67 -8.55 -22.03 -7.27
N LYS A 68 -9.27 -21.55 -6.29
CA LYS A 68 -9.91 -20.26 -6.43
C LYS A 68 -9.89 -19.46 -5.13
N SER A 69 -9.17 -19.92 -4.10
CA SER A 69 -9.14 -19.22 -2.82
C SER A 69 -7.93 -18.31 -2.72
N VAL A 70 -8.13 -17.00 -2.92
CA VAL A 70 -7.02 -16.06 -2.73
C VAL A 70 -6.63 -15.98 -1.24
N PRO A 71 -7.54 -16.06 -0.25
CA PRO A 71 -7.02 -16.04 1.12
C PRO A 71 -6.10 -17.22 1.41
N LEU A 72 -6.43 -18.41 0.90
CA LEU A 72 -5.54 -19.54 1.11
C LEU A 72 -4.25 -19.40 0.29
N ALA A 73 -4.34 -18.82 -0.91
CA ALA A 73 -3.10 -18.67 -1.70
C ALA A 73 -2.13 -17.67 -1.05
N LEU A 74 -2.66 -16.69 -0.31
CA LEU A 74 -1.80 -15.74 0.38
C LEU A 74 -1.20 -16.39 1.63
N GLN A 75 -1.99 -17.23 2.29
CA GLN A 75 -1.44 -18.02 3.39
C GLN A 75 -0.28 -18.88 2.89
N ARG A 76 -0.49 -19.57 1.78
CA ARG A 76 0.54 -20.42 1.20
C ARG A 76 1.81 -19.63 0.89
N VAL A 77 1.67 -18.47 0.26
CA VAL A 77 2.85 -17.66 -0.09
C VAL A 77 3.60 -17.25 1.19
N PHE A 78 2.86 -16.76 2.22
CA PHE A 78 3.48 -16.31 3.46
C PHE A 78 4.14 -17.48 4.20
N TYR A 79 3.46 -18.63 4.26
CA TYR A 79 4.06 -19.83 4.81
C TYR A 79 5.41 -20.11 4.14
N GLU A 80 5.42 -20.08 2.80
CA GLU A 80 6.66 -20.41 2.11
C GLU A 80 7.72 -19.33 2.35
N LEU A 81 7.32 -18.06 2.35
CA LEU A 81 8.31 -17.01 2.64
C LEU A 81 8.91 -17.17 4.03
N GLN A 82 8.11 -17.65 4.99
CA GLN A 82 8.62 -17.77 6.35
C GLN A 82 9.45 -19.02 6.55
N HIS A 83 9.22 -20.05 5.75
CA HIS A 83 9.83 -21.38 5.98
C HIS A 83 10.75 -21.90 4.87
N SER A 84 10.52 -21.56 3.61
CA SER A 84 11.34 -22.08 2.53
C SER A 84 12.72 -21.48 2.60
N ASP A 85 13.74 -22.27 2.27
CA ASP A 85 15.06 -21.71 1.97
C ASP A 85 15.30 -21.54 0.46
N LYS A 86 14.32 -21.87 -0.38
CA LYS A 86 14.48 -21.73 -1.79
C LYS A 86 13.46 -20.67 -2.27
N PRO A 87 13.68 -20.03 -3.42
CA PRO A 87 12.71 -19.03 -3.88
C PRO A 87 11.29 -19.57 -3.98
N VAL A 88 10.33 -18.69 -3.73
CA VAL A 88 8.93 -19.07 -3.52
C VAL A 88 8.13 -18.77 -4.79
N GLY A 89 7.29 -19.73 -5.21
CA GLY A 89 6.45 -19.54 -6.36
C GLY A 89 5.11 -18.95 -6.00
N THR A 90 4.42 -18.43 -7.00
CA THR A 90 3.16 -17.75 -6.79
C THR A 90 2.05 -18.19 -7.73
N LYS A 91 2.22 -19.30 -8.45
CA LYS A 91 1.27 -19.58 -9.52
C LYS A 91 -0.12 -19.87 -8.97
N LYS A 92 -0.24 -20.54 -7.83
CA LYS A 92 -1.58 -20.70 -7.25
C LYS A 92 -2.20 -19.35 -6.90
N LEU A 93 -1.39 -18.34 -6.54
CA LEU A 93 -1.96 -17.05 -6.15
C LEU A 93 -2.49 -16.29 -7.37
N THR A 94 -1.69 -16.22 -8.44
CA THR A 94 -2.16 -15.49 -9.61
C THR A 94 -3.30 -16.22 -10.27
N LYS A 95 -3.37 -17.54 -10.12
CA LYS A 95 -4.56 -18.26 -10.54
C LYS A 95 -5.76 -17.87 -9.69
N SER A 96 -5.58 -17.82 -8.36
CA SER A 96 -6.74 -17.56 -7.51
C SER A 96 -7.37 -16.22 -7.82
N PHE A 97 -6.59 -15.21 -8.20
CA PHE A 97 -7.29 -14.00 -8.57
C PHE A 97 -7.36 -13.77 -10.08
N GLY A 98 -6.95 -14.75 -10.88
CA GLY A 98 -7.34 -14.75 -12.26
C GLY A 98 -6.60 -13.80 -13.19
N TRP A 99 -5.40 -13.38 -12.84
CA TRP A 99 -4.56 -12.58 -13.74
C TRP A 99 -3.49 -13.51 -14.31
N GLU A 100 -3.74 -14.08 -15.49
CA GLU A 100 -2.87 -15.17 -15.92
C GLU A 100 -2.39 -15.08 -17.35
N THR A 101 -2.81 -14.06 -18.10
CA THR A 101 -2.33 -13.78 -19.44
C THR A 101 -0.96 -13.06 -19.36
N LEU A 102 -0.26 -12.99 -20.52
CA LEU A 102 1.05 -12.33 -20.54
C LEU A 102 1.06 -10.96 -19.89
N ASP A 103 0.07 -10.12 -20.20
CA ASP A 103 0.13 -8.72 -19.83
C ASP A 103 -0.93 -8.37 -18.81
N SER A 104 -1.45 -9.38 -18.11
CA SER A 104 -2.42 -9.10 -17.04
C SER A 104 -1.92 -8.01 -16.09
N PHE A 105 -0.70 -8.16 -15.56
CA PHE A 105 -0.29 -7.17 -14.57
C PHE A 105 0.01 -5.81 -15.19
N MET A 106 0.18 -5.73 -16.51
CA MET A 106 0.41 -4.43 -17.15
C MET A 106 -0.87 -3.65 -17.49
N GLN A 107 -2.03 -4.33 -17.59
CA GLN A 107 -3.40 -3.81 -17.51
C GLN A 107 -3.94 -3.56 -16.09
N HIS A 108 -3.26 -3.96 -15.02
CA HIS A 108 -3.76 -3.49 -13.73
C HIS A 108 -2.66 -2.65 -13.10
N ASP A 109 -2.94 -1.97 -11.98
CA ASP A 109 -1.86 -1.25 -11.31
C ASP A 109 -1.73 -1.75 -9.87
N VAL A 110 -0.70 -1.27 -9.15
CA VAL A 110 -0.45 -1.80 -7.80
C VAL A 110 -1.56 -1.46 -6.82
N GLN A 111 -2.23 -0.32 -6.99
CA GLN A 111 -3.35 0.02 -6.11
C GLN A 111 -4.50 -0.99 -6.26
N GLU A 112 -4.75 -1.45 -7.48
CA GLU A 112 -5.84 -2.41 -7.60
C GLU A 112 -5.47 -3.77 -6.99
N LEU A 113 -4.22 -4.21 -7.17
CA LEU A 113 -3.83 -5.47 -6.57
C LEU A 113 -3.81 -5.38 -5.03
N CYS A 114 -3.32 -4.26 -4.49
CA CYS A 114 -3.47 -4.04 -3.05
C CYS A 114 -4.92 -4.23 -2.61
N ARG A 115 -5.85 -3.54 -3.25
CA ARG A 115 -7.25 -3.66 -2.85
C ARG A 115 -7.77 -5.08 -3.01
N VAL A 116 -7.42 -5.77 -4.11
CA VAL A 116 -7.88 -7.14 -4.32
C VAL A 116 -7.43 -8.05 -3.18
N LEU A 117 -6.14 -7.97 -2.80
CA LEU A 117 -5.62 -8.83 -1.71
C LEU A 117 -6.20 -8.42 -0.34
N LEU A 118 -6.16 -7.13 -0.02
CA LEU A 118 -6.63 -6.70 1.30
C LEU A 118 -8.15 -6.89 1.47
N ASP A 119 -8.94 -6.61 0.45
CA ASP A 119 -10.36 -6.85 0.60
C ASP A 119 -10.67 -8.33 0.74
N ASN A 120 -10.02 -9.21 -0.05
CA ASN A 120 -10.28 -10.64 0.13
C ASN A 120 -10.00 -11.07 1.55
N VAL A 121 -8.82 -10.72 2.05
CA VAL A 121 -8.51 -11.22 3.39
C VAL A 121 -9.39 -10.56 4.45
N GLU A 122 -9.74 -9.27 4.28
CA GLU A 122 -10.67 -8.62 5.21
C GLU A 122 -11.97 -9.39 5.32
N ASN A 123 -12.57 -9.73 4.17
CA ASN A 123 -13.83 -10.47 4.19
C ASN A 123 -13.63 -11.82 4.86
N LYS A 124 -12.55 -12.53 4.51
CA LYS A 124 -12.36 -13.84 5.12
C LYS A 124 -12.16 -13.75 6.63
N MET A 125 -11.73 -12.61 7.15
CA MET A 125 -11.67 -12.56 8.61
C MET A 125 -12.96 -12.08 9.24
N LYS A 126 -13.96 -11.67 8.45
CA LYS A 126 -15.23 -11.27 9.09
C LYS A 126 -15.77 -12.47 9.84
N GLY A 127 -16.13 -12.24 11.09
CA GLY A 127 -16.67 -13.30 11.92
C GLY A 127 -15.66 -14.14 12.64
N THR A 128 -14.39 -13.75 12.68
CA THR A 128 -13.33 -14.55 13.29
C THR A 128 -12.66 -13.74 14.39
N CYS A 129 -11.65 -14.38 15.02
CA CYS A 129 -10.92 -13.72 16.10
C CYS A 129 -10.07 -12.57 15.60
N VAL A 130 -9.81 -12.49 14.29
CA VAL A 130 -8.99 -11.43 13.73
C VAL A 130 -9.83 -10.47 12.88
N GLU A 131 -11.16 -10.55 12.97
CA GLU A 131 -12.02 -9.61 12.25
C GLU A 131 -11.61 -8.17 12.52
N GLY A 132 -11.53 -7.36 11.46
CA GLY A 132 -11.21 -5.95 11.62
C GLY A 132 -9.73 -5.61 11.61
N THR A 133 -8.87 -6.59 11.37
CA THR A 133 -7.43 -6.35 11.28
C THR A 133 -7.10 -5.43 10.12
N ILE A 134 -7.71 -5.64 8.96
CA ILE A 134 -7.36 -4.81 7.82
C ILE A 134 -7.72 -3.35 8.09
N PRO A 135 -8.96 -3.02 8.53
CA PRO A 135 -9.24 -1.61 8.87
C PRO A 135 -8.31 -1.04 9.93
N LYS A 136 -8.16 -1.76 11.07
CA LYS A 136 -7.18 -1.39 12.08
C LYS A 136 -5.80 -1.02 11.52
N LEU A 137 -5.25 -1.81 10.56
CA LEU A 137 -3.93 -1.48 10.05
C LEU A 137 -3.97 -0.39 9.00
N PHE A 138 -5.01 -0.33 8.18
CA PHE A 138 -4.94 0.40 6.92
C PHE A 138 -6.00 1.48 6.70
N ARG A 139 -7.06 1.58 7.51
CA ARG A 139 -8.10 2.58 7.25
C ARG A 139 -7.85 3.91 7.97
N GLY A 140 -7.95 5.00 7.24
CA GLY A 140 -7.98 6.32 7.82
C GLY A 140 -9.31 7.00 7.52
N LYS A 141 -9.45 8.21 8.08
CA LYS A 141 -10.60 9.06 7.79
C LYS A 141 -10.15 10.47 7.43
N MET A 142 -10.79 11.03 6.42
CA MET A 142 -10.62 12.42 6.04
C MET A 142 -11.94 13.15 6.04
N VAL A 143 -11.86 14.47 5.95
CA VAL A 143 -13.02 15.34 5.78
C VAL A 143 -12.69 16.34 4.70
N SER A 144 -13.56 16.47 3.72
CA SER A 144 -13.45 17.53 2.76
C SER A 144 -14.67 18.44 2.87
N TYR A 145 -14.53 19.66 2.38
CA TYR A 145 -15.58 20.63 2.60
C TYR A 145 -15.71 21.56 1.40
N ILE A 146 -16.91 22.10 1.21
CA ILE A 146 -17.14 23.26 0.36
C ILE A 146 -17.79 24.32 1.24
N GLN A 147 -17.13 25.47 1.37
CA GLN A 147 -17.62 26.62 2.12
C GLN A 147 -17.83 27.78 1.15
N CYS A 148 -19.08 28.24 1.02
CA CYS A 148 -19.34 29.40 0.17
C CYS A 148 -18.76 30.66 0.80
N LYS A 149 -18.02 31.44 0.01
CA LYS A 149 -17.32 32.63 0.48
C LYS A 149 -18.28 33.76 0.83
N GLU A 150 -19.47 33.77 0.24
CA GLU A 150 -20.26 34.99 0.29
C GLU A 150 -21.74 34.73 0.61
N VAL A 151 -22.13 33.47 0.87
CA VAL A 151 -23.38 33.16 1.56
C VAL A 151 -23.11 32.08 2.62
N ASP A 152 -24.08 31.87 3.51
CA ASP A 152 -23.92 30.93 4.62
C ASP A 152 -24.35 29.52 4.17
N TYR A 153 -23.46 28.87 3.42
CA TYR A 153 -23.69 27.49 3.04
C TYR A 153 -22.37 26.76 3.05
N ARG A 154 -22.38 25.57 3.64
CA ARG A 154 -21.22 24.69 3.77
C ARG A 154 -21.69 23.26 3.58
N SER A 155 -20.89 22.48 2.86
CA SER A 155 -21.09 21.04 2.76
C SER A 155 -19.83 20.36 3.25
N ASP A 156 -19.99 19.45 4.21
CA ASP A 156 -18.91 18.65 4.75
C ASP A 156 -19.10 17.20 4.36
N ARG A 157 -17.99 16.50 4.16
CA ARG A 157 -18.03 15.12 3.66
C ARG A 157 -16.94 14.30 4.34
N ARG A 158 -17.33 13.45 5.29
CA ARG A 158 -16.36 12.57 5.95
C ARG A 158 -16.36 11.24 5.22
N GLU A 159 -15.18 10.74 4.89
CA GLU A 159 -15.09 9.43 4.28
C GLU A 159 -13.81 8.73 4.70
N ASP A 160 -13.85 7.39 4.60
CA ASP A 160 -12.73 6.48 4.87
C ASP A 160 -11.81 6.38 3.67
N TYR A 161 -10.52 6.24 3.93
CA TYR A 161 -9.57 6.00 2.87
C TYR A 161 -8.64 4.87 3.28
N TYR A 162 -8.05 4.30 2.26
CA TYR A 162 -6.90 3.41 2.37
C TYR A 162 -5.55 4.00 2.01
N ASP A 163 -5.22 4.21 0.77
CA ASP A 163 -3.93 4.76 0.49
C ASP A 163 -4.08 6.24 0.16
N ILE A 164 -2.95 6.95 0.07
CA ILE A 164 -2.90 8.37 -0.30
C ILE A 164 -2.11 8.49 -1.59
N GLN A 165 -2.78 8.90 -2.69
CA GLN A 165 -2.08 9.16 -3.95
C GLN A 165 -1.50 10.55 -3.94
N LEU A 166 -0.19 10.63 -4.06
CA LEU A 166 0.52 11.88 -3.94
C LEU A 166 0.97 12.31 -5.33
N SER A 167 0.70 13.56 -5.66
CA SER A 167 1.16 14.10 -6.93
C SER A 167 2.66 14.39 -6.91
N ILE A 168 3.34 13.99 -7.99
CA ILE A 168 4.78 14.07 -8.12
C ILE A 168 5.19 15.22 -9.01
N LYS A 169 4.49 15.37 -10.13
CA LYS A 169 4.96 16.30 -11.13
C LYS A 169 4.92 17.71 -10.58
N GLY A 170 6.07 18.40 -10.62
CA GLY A 170 6.18 19.73 -10.08
C GLY A 170 6.28 19.80 -8.57
N LYS A 171 6.46 18.68 -7.89
CA LYS A 171 6.68 18.62 -6.45
C LYS A 171 8.08 18.07 -6.15
N LYS A 172 8.87 18.82 -5.37
CA LYS A 172 10.24 18.43 -5.01
C LYS A 172 10.31 17.30 -3.99
N ASN A 173 9.32 17.13 -3.15
CA ASN A 173 9.48 16.23 -2.01
C ASN A 173 8.09 15.89 -1.46
N ILE A 174 8.04 14.91 -0.57
CA ILE A 174 6.76 14.45 -0.04
C ILE A 174 6.00 15.53 0.73
N PHE A 175 6.71 16.47 1.37
CA PHE A 175 6.04 17.55 2.08
C PHE A 175 5.23 18.41 1.12
N GLU A 176 5.84 18.85 0.03
CA GLU A 176 5.14 19.57 -1.03
C GLU A 176 3.93 18.78 -1.54
N SER A 177 4.00 17.43 -1.60
CA SER A 177 2.85 16.68 -2.11
C SER A 177 1.71 16.70 -1.13
N PHE A 178 2.00 16.49 0.14
CA PHE A 178 0.91 16.57 1.10
C PHE A 178 0.31 17.97 1.12
N VAL A 179 1.16 19.00 1.01
CA VAL A 179 0.63 20.35 0.94
C VAL A 179 -0.32 20.47 -0.25
N ASP A 180 0.08 19.89 -1.39
CA ASP A 180 -0.79 19.89 -2.57
C ASP A 180 -2.07 19.11 -2.30
N TYR A 181 -1.98 17.99 -1.60
CA TYR A 181 -3.15 17.15 -1.36
C TYR A 181 -4.23 17.93 -0.64
N VAL A 182 -3.83 18.75 0.34
CA VAL A 182 -4.77 19.45 1.19
C VAL A 182 -4.90 20.92 0.82
N ALA A 183 -4.34 21.33 -0.33
CA ALA A 183 -4.41 22.73 -0.73
C ALA A 183 -5.83 23.14 -1.04
N VAL A 184 -6.21 24.35 -0.63
CA VAL A 184 -7.57 24.83 -0.90
C VAL A 184 -7.72 25.19 -2.38
N GLU A 185 -8.91 24.92 -2.89
CA GLU A 185 -9.28 25.14 -4.27
C GLU A 185 -10.32 26.24 -4.31
N GLN A 186 -10.07 27.27 -5.11
CA GLN A 186 -11.06 28.31 -5.32
C GLN A 186 -12.06 27.86 -6.39
N LEU A 187 -13.35 27.94 -6.06
CA LEU A 187 -14.43 27.71 -7.02
C LEU A 187 -15.08 29.08 -7.28
N ASP A 188 -14.70 29.72 -8.39
CA ASP A 188 -15.02 31.12 -8.59
C ASP A 188 -14.99 31.40 -10.08
N GLY A 189 -15.54 32.57 -10.45
CA GLY A 189 -15.68 32.89 -11.84
C GLY A 189 -16.44 31.81 -12.59
N ASP A 190 -15.73 31.13 -13.50
CA ASP A 190 -16.34 30.16 -14.42
C ASP A 190 -16.70 28.84 -13.75
N ASN A 191 -15.92 28.43 -12.75
CA ASN A 191 -16.17 27.20 -12.00
C ASN A 191 -16.84 27.50 -10.68
N LYS A 192 -17.81 28.40 -10.70
CA LYS A 192 -18.42 28.86 -9.47
C LYS A 192 -19.29 27.72 -8.95
N TYR A 193 -19.29 27.48 -7.64
CA TYR A 193 -20.01 26.33 -7.09
C TYR A 193 -21.50 26.61 -7.07
N ASP A 194 -22.32 25.70 -7.53
CA ASP A 194 -23.73 26.03 -7.40
C ASP A 194 -24.27 25.57 -6.06
N ALA A 195 -24.65 26.55 -5.24
CA ALA A 195 -25.18 26.28 -3.93
C ALA A 195 -26.67 26.04 -3.97
N GLY A 196 -27.15 25.45 -5.06
CA GLY A 196 -28.53 25.06 -5.25
C GLY A 196 -29.48 26.20 -5.02
N GLU A 197 -29.99 26.27 -3.80
CA GLU A 197 -30.94 27.30 -3.44
C GLU A 197 -30.34 28.70 -3.65
N HIS A 198 -29.04 28.84 -3.44
CA HIS A 198 -28.31 30.09 -3.52
C HIS A 198 -27.79 30.36 -4.92
N GLY A 199 -28.03 29.45 -5.86
CA GLY A 199 -27.49 29.61 -7.20
C GLY A 199 -25.98 29.52 -7.19
N LEU A 200 -25.37 30.00 -8.26
CA LEU A 200 -23.92 29.94 -8.39
C LEU A 200 -23.25 30.87 -7.39
N GLN A 201 -22.25 30.34 -6.69
CA GLN A 201 -21.58 31.09 -5.64
C GLN A 201 -20.08 30.83 -5.66
N GLU A 202 -19.30 31.85 -5.29
CA GLU A 202 -17.88 31.63 -5.08
C GLU A 202 -17.69 30.83 -3.79
N ALA A 203 -16.90 29.79 -3.86
CA ALA A 203 -16.67 28.94 -2.70
C ALA A 203 -15.24 28.46 -2.71
N GLU A 204 -14.81 27.96 -1.55
CA GLU A 204 -13.59 27.17 -1.41
C GLU A 204 -13.85 25.70 -1.22
N LYS A 205 -12.93 24.87 -1.70
CA LYS A 205 -12.98 23.47 -1.36
C LYS A 205 -11.65 23.11 -0.71
N GLY A 206 -11.70 22.27 0.33
CA GLY A 206 -10.51 21.95 1.10
C GLY A 206 -10.64 20.56 1.70
N VAL A 207 -9.54 20.12 2.27
CA VAL A 207 -9.38 18.74 2.71
C VAL A 207 -8.52 18.76 3.96
N LYS A 208 -8.86 17.93 4.97
CA LYS A 208 -7.87 17.63 6.02
C LYS A 208 -8.03 16.18 6.45
N PHE A 209 -6.95 15.57 6.94
CA PHE A 209 -7.03 14.22 7.45
C PHE A 209 -7.57 14.26 8.87
N LEU A 210 -8.56 13.41 9.17
CA LEU A 210 -8.95 13.21 10.56
C LEU A 210 -8.01 12.22 11.28
N THR A 211 -7.68 11.10 10.63
CA THR A 211 -6.76 10.13 11.20
C THR A 211 -5.85 9.62 10.09
N LEU A 212 -4.75 9.01 10.49
CA LEU A 212 -3.76 8.36 9.65
C LEU A 212 -3.55 6.97 10.23
N PRO A 213 -3.59 5.91 9.43
CA PRO A 213 -3.63 4.57 9.99
C PRO A 213 -2.24 4.12 10.42
N PRO A 214 -2.15 3.03 11.21
CA PRO A 214 -0.83 2.51 11.62
C PRO A 214 0.11 2.27 10.44
N VAL A 215 -0.40 1.75 9.33
CA VAL A 215 0.39 1.47 8.13
C VAL A 215 -0.12 2.39 7.01
N LEU A 216 0.77 3.27 6.52
CA LEU A 216 0.47 4.18 5.41
C LEU A 216 1.07 3.71 4.10
N HIS A 217 0.21 3.52 3.13
CA HIS A 217 0.63 3.18 1.78
C HIS A 217 0.50 4.44 0.97
N LEU A 218 1.63 5.04 0.62
CA LEU A 218 1.65 6.25 -0.20
C LEU A 218 1.95 5.82 -1.63
N GLN A 219 1.05 6.19 -2.52
CA GLN A 219 1.16 5.85 -3.93
C GLN A 219 1.65 7.07 -4.69
N LEU A 220 2.82 6.97 -5.30
CA LEU A 220 3.43 8.12 -5.97
C LEU A 220 2.98 8.11 -7.44
N MET A 221 2.39 9.22 -7.87
CA MET A 221 1.84 9.29 -9.23
C MET A 221 2.93 9.55 -10.26
N ARG A 222 3.85 8.59 -10.42
CA ARG A 222 4.88 8.76 -11.46
C ARG A 222 4.36 8.31 -12.82
N PHE A 223 3.50 7.31 -12.86
CA PHE A 223 2.98 6.80 -14.13
C PHE A 223 1.68 7.54 -14.40
N MET A 224 1.73 8.53 -15.27
CA MET A 224 0.49 9.22 -15.62
C MET A 224 -0.01 8.67 -16.96
N TYR A 225 -0.58 9.56 -17.75
CA TYR A 225 -1.16 9.23 -19.06
C TYR A 225 -0.77 10.25 -20.13
N ASN A 232 0.03 7.36 -21.85
CA ASN A 232 0.87 6.68 -20.85
C ASN A 232 2.30 7.19 -20.80
N ILE A 233 2.72 7.66 -19.63
CA ILE A 233 4.07 8.21 -19.43
C ILE A 233 4.57 7.82 -18.05
N LYS A 234 5.85 8.14 -17.79
CA LYS A 234 6.46 7.95 -16.47
C LYS A 234 7.26 9.20 -16.12
N ILE A 235 6.94 9.82 -14.98
CA ILE A 235 7.72 10.95 -14.47
C ILE A 235 8.93 10.42 -13.71
N ASN A 236 10.15 10.75 -14.17
CA ASN A 236 11.38 10.28 -13.53
C ASN A 236 12.06 11.36 -12.71
N ASP A 237 11.33 12.39 -12.32
CA ASP A 237 11.94 13.57 -11.75
C ASP A 237 12.35 13.30 -10.31
N ARG A 238 13.33 14.04 -9.82
CA ARG A 238 13.70 13.88 -8.41
C ARG A 238 12.48 14.13 -7.52
N PHE A 239 12.24 13.20 -6.59
CA PHE A 239 11.17 13.28 -5.59
C PHE A 239 11.72 12.78 -4.25
N GLU A 240 12.02 13.71 -3.33
CA GLU A 240 12.66 13.42 -2.06
C GLU A 240 11.65 12.95 -1.02
N PHE A 241 11.95 11.80 -0.37
CA PHE A 241 11.12 11.29 0.71
C PHE A 241 12.02 10.91 1.87
N PRO A 242 11.58 11.15 3.14
CA PRO A 242 12.49 10.96 4.26
C PRO A 242 12.38 9.63 4.96
N GLU A 243 13.39 9.35 5.77
CA GLU A 243 13.29 8.23 6.69
C GLU A 243 12.24 8.44 7.79
N GLN A 244 12.14 9.63 8.41
CA GLN A 244 11.10 9.79 9.42
C GLN A 244 10.24 10.89 8.83
N LEU A 245 8.93 10.72 8.87
CA LEU A 245 8.00 11.59 8.16
C LEU A 245 6.97 12.11 9.14
N PRO A 246 7.03 13.37 9.54
CA PRO A 246 6.03 13.84 10.51
C PRO A 246 4.83 14.39 9.78
N LEU A 247 3.62 13.98 10.18
CA LEU A 247 2.43 14.37 9.44
C LEU A 247 1.40 15.14 10.28
N ASP A 248 1.75 15.52 11.52
CA ASP A 248 0.80 16.25 12.36
C ASP A 248 0.20 17.47 11.66
N GLU A 249 0.99 18.15 10.84
CA GLU A 249 0.55 19.36 10.16
C GLU A 249 -0.66 19.15 9.24
N PHE A 250 -0.97 17.92 8.82
CA PHE A 250 -2.03 17.71 7.86
C PHE A 250 -3.27 17.12 8.49
N LEU A 251 -3.27 16.95 9.81
CA LEU A 251 -4.43 16.54 10.57
C LEU A 251 -5.28 17.75 10.92
N GLN A 252 -6.58 17.51 11.07
CA GLN A 252 -7.40 18.61 11.55
C GLN A 252 -7.15 18.88 13.01
N LYS A 253 -6.84 17.85 13.80
CA LYS A 253 -6.55 18.06 15.21
C LYS A 253 -5.50 17.02 15.58
N THR A 254 -4.31 17.49 15.99
CA THR A 254 -3.27 16.58 16.48
C THR A 254 -3.59 16.21 17.93
N ASP A 255 -2.89 15.22 18.48
CA ASP A 255 -2.80 15.22 19.93
C ASP A 255 -1.32 15.08 20.28
N PRO A 256 -0.94 15.48 21.49
CA PRO A 256 0.40 15.13 22.00
C PRO A 256 0.41 13.75 22.63
N LYS A 257 1.61 13.27 22.88
CA LYS A 257 1.86 11.87 23.25
C LYS A 257 1.29 10.86 22.24
N ASP A 258 0.78 11.29 21.07
CA ASP A 258 0.71 10.45 19.87
C ASP A 258 0.88 11.31 18.62
N PRO A 259 2.09 11.82 18.38
CA PRO A 259 2.30 12.58 17.15
C PRO A 259 2.20 11.64 15.98
N ALA A 260 1.74 12.19 14.86
CA ALA A 260 1.65 11.42 13.62
C ALA A 260 3.03 11.36 12.96
N ASN A 261 3.95 10.69 13.66
CA ASN A 261 5.32 10.54 13.19
C ASN A 261 5.47 9.15 12.59
N TYR A 262 5.91 9.08 11.33
CA TYR A 262 5.91 7.85 10.56
C TYR A 262 7.35 7.47 10.20
N ILE A 263 7.62 6.17 10.22
CA ILE A 263 8.95 5.58 9.99
C ILE A 263 8.90 4.85 8.66
N LEU A 264 9.89 5.07 7.80
CA LEU A 264 9.89 4.42 6.50
C LEU A 264 10.19 2.93 6.62
N HIS A 265 9.34 2.09 6.02
CA HIS A 265 9.47 0.63 6.06
C HIS A 265 9.83 0.02 4.70
N ALA A 266 9.30 0.54 3.59
CA ALA A 266 9.45 -0.15 2.31
C ALA A 266 9.47 0.90 1.23
N VAL A 267 10.27 0.64 0.19
CA VAL A 267 10.35 1.51 -0.97
C VAL A 267 10.22 0.60 -2.19
N LEU A 268 9.07 0.66 -2.87
CA LEU A 268 8.84 -0.16 -4.05
C LEU A 268 9.28 0.66 -5.25
N VAL A 269 10.11 0.07 -6.07
CA VAL A 269 10.93 0.80 -7.01
C VAL A 269 10.67 0.23 -8.39
N HIS A 270 10.65 1.10 -9.40
CA HIS A 270 10.58 0.77 -10.81
C HIS A 270 11.78 1.37 -11.53
N SER A 271 12.29 0.64 -12.52
CA SER A 271 13.30 1.14 -13.44
C SER A 271 12.82 1.03 -14.87
N GLY A 272 12.83 2.14 -15.59
CA GLY A 272 12.41 2.16 -16.97
C GLY A 272 11.77 3.49 -17.31
N ASP A 273 11.11 3.49 -18.47
CA ASP A 273 10.32 4.64 -18.94
C ASP A 273 8.93 4.14 -19.35
N ASN A 274 8.19 3.65 -18.34
CA ASN A 274 6.82 3.20 -18.45
C ASN A 274 6.79 1.85 -19.15
N HIS A 275 7.58 1.75 -20.21
CA HIS A 275 7.56 0.59 -21.08
C HIS A 275 8.20 -0.58 -20.38
N GLY A 276 7.33 -1.48 -19.86
CA GLY A 276 7.73 -2.65 -19.09
C GLY A 276 8.40 -2.27 -17.78
N GLY A 277 9.72 -2.42 -17.74
CA GLY A 277 10.55 -1.98 -16.64
C GLY A 277 10.85 -3.13 -15.67
N HIS A 278 11.85 -2.90 -14.81
CA HIS A 278 12.20 -3.89 -13.79
C HIS A 278 11.72 -3.41 -12.42
N TYR A 279 11.13 -4.31 -11.65
CA TYR A 279 10.51 -4.00 -10.37
C TYR A 279 11.30 -4.65 -9.24
N VAL A 280 11.57 -3.88 -8.17
CA VAL A 280 12.34 -4.32 -7.01
C VAL A 280 11.72 -3.59 -5.83
N VAL A 281 11.86 -4.17 -4.63
CA VAL A 281 11.44 -3.52 -3.40
C VAL A 281 12.60 -3.50 -2.39
N TYR A 282 12.72 -2.39 -1.69
CA TYR A 282 13.64 -2.25 -0.58
C TYR A 282 12.85 -2.25 0.72
N LEU A 283 13.36 -2.91 1.74
CA LEU A 283 12.68 -3.06 3.02
C LEU A 283 13.69 -3.05 4.15
N ASN A 284 13.31 -2.48 5.31
CA ASN A 284 14.06 -2.79 6.53
C ASN A 284 13.00 -3.45 7.40
N PRO A 285 12.88 -4.78 7.28
CA PRO A 285 11.70 -5.48 7.80
C PRO A 285 11.45 -5.26 9.28
N LYS A 286 12.51 -5.03 10.07
CA LYS A 286 12.38 -4.92 11.51
C LYS A 286 12.11 -3.50 11.97
N GLY A 287 12.18 -2.53 11.06
CA GLY A 287 12.00 -1.12 11.39
C GLY A 287 13.22 -0.48 12.00
N ASP A 288 14.36 -1.15 11.95
CA ASP A 288 15.58 -0.73 12.62
C ASP A 288 16.55 -0.05 11.66
N GLY A 289 16.08 0.29 10.47
CA GLY A 289 16.96 0.88 9.49
C GLY A 289 18.05 -0.03 8.92
N LYS A 290 17.95 -1.34 8.96
CA LYS A 290 18.90 -2.28 8.35
C LYS A 290 18.23 -2.72 7.07
N TRP A 291 18.74 -2.27 5.91
CA TRP A 291 17.96 -2.44 4.70
C TRP A 291 18.39 -3.67 3.91
N CYS A 292 17.42 -4.24 3.17
CA CYS A 292 17.64 -5.28 2.17
C CYS A 292 16.92 -4.96 0.87
N LYS A 293 17.51 -5.41 -0.23
CA LYS A 293 16.92 -5.31 -1.56
C LYS A 293 16.31 -6.66 -1.95
N PHE A 294 15.03 -6.64 -2.33
CA PHE A 294 14.30 -7.84 -2.71
C PHE A 294 14.09 -7.79 -4.22
N ASP A 295 14.85 -8.60 -4.95
CA ASP A 295 14.89 -8.57 -6.41
C ASP A 295 14.49 -9.97 -6.88
N ASP A 296 13.20 -10.25 -6.82
CA ASP A 296 12.60 -11.56 -7.08
C ASP A 296 13.29 -12.65 -6.26
N ASP A 297 14.12 -13.48 -6.90
CA ASP A 297 14.72 -14.59 -6.17
C ASP A 297 16.00 -14.20 -5.40
N VAL A 298 16.57 -13.03 -5.66
CA VAL A 298 17.82 -12.58 -5.04
C VAL A 298 17.48 -11.54 -3.97
N VAL A 299 17.64 -11.91 -2.70
CA VAL A 299 17.47 -10.96 -1.60
C VAL A 299 18.86 -10.61 -1.14
N SER A 300 19.21 -9.35 -1.23
CA SER A 300 20.54 -9.00 -0.85
C SER A 300 20.51 -7.78 0.03
N ARG A 301 21.58 -7.66 0.71
CA ARG A 301 21.68 -6.68 1.71
C ARG A 301 22.25 -5.38 1.14
N CYS A 302 21.77 -4.22 1.62
CA CYS A 302 22.11 -3.00 0.88
C CYS A 302 22.26 -1.82 1.82
N THR A 303 22.83 -0.74 1.30
CA THR A 303 22.99 0.45 2.13
C THR A 303 21.66 1.20 2.25
N LYS A 304 21.52 1.95 3.36
CA LYS A 304 20.36 2.80 3.55
C LYS A 304 20.25 3.83 2.44
N GLU A 305 21.41 4.29 1.94
CA GLU A 305 21.40 5.25 0.83
C GLU A 305 20.80 4.64 -0.42
N GLU A 306 21.11 3.36 -0.72
CA GLU A 306 20.52 2.73 -1.90
C GLU A 306 19.00 2.63 -1.80
N ALA A 307 18.49 2.38 -0.61
CA ALA A 307 17.06 2.26 -0.42
C ALA A 307 16.37 3.61 -0.46
N ILE A 308 16.99 4.68 0.08
CA ILE A 308 16.29 5.95 0.19
C ILE A 308 16.70 6.89 -0.93
N GLU A 309 17.79 7.67 -0.72
CA GLU A 309 18.17 8.73 -1.65
C GLU A 309 18.44 8.23 -3.08
N HIS A 310 18.93 7.00 -3.24
CA HIS A 310 19.13 6.53 -4.62
C HIS A 310 17.83 6.21 -5.35
N ASN A 311 16.68 6.27 -4.67
CA ASN A 311 15.41 6.07 -5.32
C ASN A 311 14.62 7.37 -5.43
N TYR A 312 15.28 8.50 -5.16
CA TYR A 312 14.66 9.81 -5.36
C TYR A 312 14.35 10.07 -6.83
N GLY A 313 15.15 9.50 -7.74
CA GLY A 313 15.04 9.81 -9.16
C GLY A 313 15.80 11.08 -9.51
N GLY A 314 15.73 11.47 -10.78
CA GLY A 314 16.34 12.73 -11.15
C GLY A 314 16.64 12.76 -12.64
N HIS A 315 17.53 13.67 -13.02
CA HIS A 315 17.76 13.92 -14.43
C HIS A 315 19.15 14.51 -14.68
N HIS A 323 18.10 9.73 -12.24
CA HIS A 323 18.09 8.40 -12.82
C HIS A 323 16.62 7.96 -12.99
N CYS A 324 16.36 7.06 -13.93
CA CYS A 324 15.02 6.52 -14.14
C CYS A 324 14.73 5.28 -13.28
N THR A 325 15.43 5.13 -12.15
CA THR A 325 15.13 4.18 -11.09
C THR A 325 14.64 4.97 -9.89
N ASN A 326 13.46 4.62 -9.35
CA ASN A 326 12.83 5.53 -8.38
C ASN A 326 11.55 4.91 -7.80
N ALA A 327 11.14 5.47 -6.65
CA ALA A 327 10.02 4.92 -5.91
C ALA A 327 8.71 5.27 -6.62
N TYR A 328 7.78 4.31 -6.70
CA TYR A 328 6.39 4.59 -7.01
C TYR A 328 5.43 4.36 -5.84
N MET A 329 5.87 3.65 -4.80
CA MET A 329 5.07 3.35 -3.62
C MET A 329 6.00 3.36 -2.42
N LEU A 330 5.58 4.03 -1.34
CA LEU A 330 6.26 4.04 -0.05
C LEU A 330 5.36 3.47 1.02
N VAL A 331 5.92 2.67 1.93
CA VAL A 331 5.19 2.20 3.12
C VAL A 331 5.82 2.85 4.34
N TYR A 332 5.01 3.57 5.12
CA TYR A 332 5.41 4.11 6.41
C TYR A 332 4.61 3.44 7.53
N ILE A 333 5.25 3.22 8.68
CA ILE A 333 4.57 2.70 9.86
C ILE A 333 4.58 3.76 10.97
N ARG A 334 3.44 3.97 11.62
CA ARG A 334 3.40 4.96 12.68
C ARG A 334 4.33 4.57 13.80
N GLU A 335 5.19 5.51 14.23
CA GLU A 335 6.21 5.21 15.22
C GLU A 335 5.58 4.57 16.47
N SER A 336 4.46 5.12 16.93
CA SER A 336 3.82 4.58 18.13
C SER A 336 3.25 3.18 17.92
N LYS A 337 3.06 2.75 16.68
CA LYS A 337 2.46 1.46 16.39
C LYS A 337 3.50 0.44 15.93
N LEU A 338 4.75 0.85 15.75
CA LEU A 338 5.77 0.02 15.10
C LEU A 338 6.00 -1.33 15.76
N SER A 339 6.01 -1.36 17.09
CA SER A 339 6.30 -2.61 17.78
C SER A 339 5.12 -3.56 17.69
N GLU A 340 3.97 -3.01 17.89
CA GLU A 340 2.73 -3.62 17.48
C GLU A 340 2.72 -4.13 16.01
N VAL A 341 2.90 -3.26 15.02
CA VAL A 341 2.81 -3.73 13.63
C VAL A 341 3.89 -4.76 13.34
N LEU A 342 5.10 -4.57 13.86
CA LEU A 342 6.18 -5.49 13.53
C LEU A 342 6.49 -6.50 14.62
N GLN A 343 5.44 -7.05 15.20
CA GLN A 343 5.55 -8.00 16.28
C GLN A 343 6.15 -9.30 15.75
N ALA A 344 7.00 -9.92 16.56
CA ALA A 344 7.72 -11.11 16.11
C ALA A 344 6.74 -12.19 15.72
N VAL A 345 7.02 -12.90 14.61
CA VAL A 345 6.21 -14.03 14.15
C VAL A 345 7.03 -15.29 14.37
N THR A 346 6.42 -16.30 14.99
CA THR A 346 7.10 -17.57 15.22
C THR A 346 6.41 -18.66 14.43
N ASP A 347 6.99 -19.86 14.43
CA ASP A 347 6.35 -20.96 13.74
C ASP A 347 5.03 -21.30 14.40
N HIS A 348 4.92 -21.04 15.72
CA HIS A 348 3.68 -21.30 16.45
C HIS A 348 2.54 -20.38 16.09
N ASP A 349 2.77 -19.39 15.22
CA ASP A 349 1.71 -18.51 14.77
C ASP A 349 0.94 -19.09 13.58
N ILE A 350 1.45 -20.17 12.99
CA ILE A 350 0.78 -20.81 11.86
C ILE A 350 0.06 -22.05 12.36
N PRO A 351 -1.27 -22.09 12.36
CA PRO A 351 -1.98 -23.31 12.75
C PRO A 351 -1.50 -24.53 11.96
N GLN A 352 -1.10 -25.53 12.71
CA GLN A 352 -1.30 -26.92 12.38
C GLN A 352 -2.30 -27.28 11.30
N GLN A 353 -3.55 -26.75 11.27
CA GLN A 353 -4.43 -27.27 10.22
C GLN A 353 -3.80 -26.89 8.89
N LEU A 354 -3.39 -25.62 8.83
CA LEU A 354 -2.82 -25.00 7.66
C LEU A 354 -1.48 -25.65 7.29
N VAL A 355 -0.59 -25.80 8.28
CA VAL A 355 0.71 -26.38 7.97
C VAL A 355 0.53 -27.74 7.34
N GLU A 356 -0.39 -28.53 7.92
CA GLU A 356 -0.58 -29.87 7.43
C GLU A 356 -1.16 -29.86 6.03
N ARG A 357 -2.08 -28.93 5.76
CA ARG A 357 -2.66 -28.84 4.42
C ARG A 357 -1.58 -28.53 3.39
N LEU A 358 -0.71 -27.58 3.71
CA LEU A 358 0.29 -27.14 2.75
C LEU A 358 1.33 -28.23 2.48
N GLN A 359 1.76 -28.93 3.56
CA GLN A 359 2.71 -30.03 3.39
C GLN A 359 2.06 -31.19 2.63
N GLU A 360 0.76 -31.45 2.84
CA GLU A 360 0.09 -32.48 2.06
C GLU A 360 0.06 -32.14 0.58
N GLU A 361 -0.22 -30.87 0.29
CA GLU A 361 -0.14 -30.39 -1.09
C GLU A 361 1.21 -30.76 -1.69
N LYS A 362 2.28 -30.48 -0.95
CA LYS A 362 3.62 -30.76 -1.46
C LYS A 362 3.83 -32.24 -1.67
N ARG A 363 3.28 -33.08 -0.79
CA ARG A 363 3.41 -34.53 -0.96
C ARG A 363 2.81 -34.96 -2.30
N ILE A 364 1.56 -34.57 -2.54
CA ILE A 364 0.87 -34.89 -3.79
C ILE A 364 1.78 -34.59 -4.98
N GLU A 365 2.17 -33.31 -5.12
CA GLU A 365 2.93 -32.87 -6.29
C GLU A 365 4.21 -33.68 -6.50
N ALA A 366 4.86 -34.14 -5.42
CA ALA A 366 6.11 -34.90 -5.55
C ALA A 366 5.94 -36.39 -5.95
C ACE B 1 -14.40 4.49 -3.74
O ACE B 1 -13.21 4.20 -3.96
CH3 ACE B 1 -15.39 3.47 -3.26
N PHE B 2 -14.87 5.71 -3.94
CA PHE B 2 -14.04 6.82 -4.41
C PHE B 2 -14.20 8.04 -3.51
N LEU B 3 -13.10 8.78 -3.36
CA LEU B 3 -13.01 9.95 -2.53
C LEU B 3 -13.49 11.20 -3.29
C13 KCJ B 4 -11.42 15.70 -1.86
C15 KCJ B 4 -11.18 13.91 -0.14
C KCJ B 4 -13.18 14.00 -4.44
CA KCJ B 4 -14.04 13.62 -3.24
C11 KCJ B 4 -13.97 14.88 -2.36
C12 KCJ B 4 -12.61 14.92 -1.71
N16 KCJ B 4 -12.42 13.89 -0.71
N KCJ B 4 -13.59 12.34 -2.61
O KCJ B 4 -13.66 14.59 -5.33
S14 KCJ B 4 -10.31 15.03 -0.82
N ASN B 5 -11.88 13.67 -4.36
CA ASN B 5 -10.89 14.05 -5.37
C ASN B 5 -10.81 13.05 -6.51
N DAL B 6 -11.72 12.10 -6.49
CA DAL B 6 -11.82 11.12 -7.57
CB DAL B 6 -13.30 10.62 -7.72
C DAL B 6 -10.82 9.96 -7.43
O DAL B 6 -10.75 9.09 -8.28
C13 KCJ B 7 -7.11 11.12 -6.97
C15 KCJ B 7 -5.36 12.08 -5.48
C KCJ B 7 -9.79 7.74 -5.52
CA KCJ B 7 -9.05 8.89 -6.18
C11 KCJ B 7 -7.87 9.26 -5.29
C12 KCJ B 7 -7.03 10.42 -5.74
N16 KCJ B 7 -5.99 10.99 -4.89
N KCJ B 7 -10.00 9.96 -6.39
O KCJ B 7 -10.87 7.90 -5.05
S14 KCJ B 7 -6.03 12.30 -6.94
N ARG B 8 -9.16 6.57 -5.53
CA ARG B 8 -9.81 5.38 -4.98
C ARG B 8 -9.75 5.49 -3.47
N GLY B 9 -10.82 5.05 -2.82
CA GLY B 9 -10.92 5.13 -1.38
C GLY B 9 -10.68 3.78 -0.75
N TYR B 10 -11.42 3.51 0.32
CA TYR B 10 -11.19 2.28 1.07
C TYR B 10 -11.97 1.15 0.42
N NMC B 11 -11.38 -0.01 0.19
CA NMC B 11 -12.19 -1.13 -0.33
C NMC B 11 -12.17 -1.19 -1.87
O NMC B 11 -11.39 -0.53 -2.50
CN NMC B 11 -9.94 -0.31 0.34
CX1 NMC B 11 -9.68 -1.41 1.40
CX2 NMC B 11 -8.23 -1.85 1.53
CX3 NMC B 11 -9.27 -2.80 0.93
N LEU B 12 -13.05 -2.04 -2.42
CA LEU B 12 -13.15 -2.26 -3.87
C LEU B 12 -14.41 -1.54 -4.35
N CYS B 13 -14.28 -0.67 -5.35
CA CYS B 13 -15.42 0.13 -5.77
C CYS B 13 -15.75 0.01 -7.26
N GLY B 14 -15.17 -0.93 -8.00
CA GLY B 14 -15.48 -1.03 -9.41
C GLY B 14 -14.90 0.09 -10.26
N LYS B 15 -15.29 0.10 -11.54
CA LYS B 15 -14.86 1.16 -12.42
C LYS B 15 -15.64 2.44 -12.19
N LYS B 16 -14.97 3.56 -12.44
CA LYS B 16 -15.58 4.86 -12.25
C LYS B 16 -16.88 4.76 -13.05
#